data_4HMT
#
_entry.id   4HMT
#
_cell.length_a   57.593
_cell.length_b   63.425
_cell.length_c   133.546
_cell.angle_alpha   90.000
_cell.angle_beta   90.000
_cell.angle_gamma   90.000
#
_symmetry.space_group_name_H-M   'P 21 21 21'
#
loop_
_entity.id
_entity.type
_entity.pdbx_description
1 polymer 'Phenazine biosynthesis protein phzG'
2 non-polymer 'FLAVIN MONONUCLEOTIDE'
3 non-polymer '(1R,5aS,6R)-1,2,5,5a,6,7-hexahydrophenazine-1,6-dicarboxylic acid'
4 non-polymer 'SULFATE ION'
5 water water
#
_entity_poly.entity_id   1
_entity_poly.type   'polypeptide(L)'
_entity_poly.pdbx_seq_one_letter_code
;GSHMNGSIQGKPLLGKGMSESLTGTLDAPFPEYQTLPADPMSVLHNWLERARRVGIREPRALALATADSQGRPSTRIVVI
SEISDAGVVFSTHAGSQKGRELLHNPWASGVLYWRETSQQIILNGQAVRLPNAKADDAWLKRPYATHPMSSVSRQSEELQ
DVQAMRNAARQLAELQGPLPRPEGYCVFELRLESLEFWGNGQERLHERLRYDRSDTGWNVRRLQP
;
_entity_poly.pdbx_strand_id   A,B
#
loop_
_chem_comp.id
_chem_comp.type
_chem_comp.name
_chem_comp.formula
FMN non-polymer 'FLAVIN MONONUCLEOTIDE' 'C17 H21 N4 O9 P'
NNV non-polymer '(1R,5aS,6R)-1,2,5,5a,6,7-hexahydrophenazine-1,6-dicarboxylic acid' 'C14 H14 N2 O4'
SO4 non-polymer 'SULFATE ION' 'O4 S -2'
#
# COMPACT_ATOMS: atom_id res chain seq x y z
N SER A 21 6.93 -11.52 11.46
CA SER A 21 6.62 -10.12 11.82
C SER A 21 5.17 -9.89 12.21
N LEU A 22 4.32 -10.89 12.00
CA LEU A 22 2.87 -10.66 12.20
C LEU A 22 2.64 -10.46 13.69
N THR A 23 1.61 -9.70 14.02
CA THR A 23 1.34 -9.38 15.41
C THR A 23 -0.14 -9.61 15.73
N GLY A 24 -0.89 -10.23 14.83
CA GLY A 24 -2.35 -10.28 14.98
C GLY A 24 -2.82 -10.99 16.23
N THR A 25 -3.81 -10.41 16.90
CA THR A 25 -4.37 -10.93 18.13
C THR A 25 -5.88 -10.81 18.24
N LEU A 26 -6.58 -10.40 17.20
CA LEU A 26 -8.05 -10.50 17.18
C LEU A 26 -8.47 -11.69 16.31
N ASP A 27 -9.63 -12.23 16.62
CA ASP A 27 -10.18 -13.35 15.84
CA ASP A 27 -10.18 -13.35 15.85
C ASP A 27 -10.32 -13.00 14.36
N ALA A 28 -9.98 -13.94 13.51
CA ALA A 28 -9.92 -13.68 12.07
C ALA A 28 -10.51 -14.84 11.27
N PRO A 29 -11.80 -15.09 11.41
CA PRO A 29 -12.42 -16.16 10.63
C PRO A 29 -12.33 -15.94 9.12
N PHE A 30 -12.11 -17.05 8.39
CA PHE A 30 -11.99 -16.98 6.92
C PHE A 30 -12.74 -18.18 6.37
N PRO A 31 -14.03 -18.27 6.61
CA PRO A 31 -14.77 -19.42 6.10
C PRO A 31 -14.85 -19.46 4.57
N GLU A 32 -14.65 -18.31 3.91
CA GLU A 32 -14.79 -18.27 2.48
C GLU A 32 -13.67 -19.06 1.82
N TYR A 33 -12.54 -19.21 2.51
CA TYR A 33 -11.46 -20.02 1.93
C TYR A 33 -11.89 -21.48 1.76
N GLN A 34 -12.83 -21.92 2.60
CA GLN A 34 -13.39 -23.27 2.46
C GLN A 34 -14.54 -23.31 1.45
N THR A 35 -15.45 -22.34 1.54
CA THR A 35 -16.70 -22.43 0.80
C THR A 35 -16.68 -21.85 -0.62
N LEU A 36 -15.67 -21.03 -0.90
CA LEU A 36 -15.49 -20.43 -2.21
C LEU A 36 -16.77 -19.74 -2.71
N PRO A 37 -17.21 -18.69 -2.02
CA PRO A 37 -18.40 -17.95 -2.47
C PRO A 37 -18.25 -17.48 -3.90
N ALA A 38 -19.34 -17.47 -4.65
CA ALA A 38 -19.23 -17.07 -6.03
C ALA A 38 -18.99 -15.56 -6.24
N ASP A 39 -19.48 -14.75 -5.33
CA ASP A 39 -19.43 -13.29 -5.53
C ASP A 39 -18.40 -12.64 -4.59
N PRO A 40 -17.26 -12.19 -5.16
CA PRO A 40 -16.26 -11.58 -4.27
C PRO A 40 -16.73 -10.23 -3.67
N MET A 41 -17.71 -9.56 -4.24
CA MET A 41 -18.17 -8.30 -3.63
CA MET A 41 -18.18 -8.32 -3.63
C MET A 41 -18.89 -8.60 -2.31
N SER A 42 -19.52 -9.76 -2.21
CA SER A 42 -20.15 -10.15 -0.97
CA SER A 42 -20.16 -10.15 -0.96
C SER A 42 -19.09 -10.43 0.09
N VAL A 43 -18.00 -11.10 -0.30
CA VAL A 43 -16.89 -11.33 0.60
C VAL A 43 -16.29 -10.00 1.08
N LEU A 44 -16.09 -9.07 0.16
CA LEU A 44 -15.54 -7.79 0.49
C LEU A 44 -16.43 -7.08 1.49
N HIS A 45 -17.75 -7.06 1.23
CA HIS A 45 -18.65 -6.36 2.14
C HIS A 45 -18.57 -6.99 3.51
N ASN A 46 -18.57 -8.32 3.54
CA ASN A 46 -18.56 -9.00 4.82
C ASN A 46 -17.25 -8.86 5.62
N TRP A 47 -16.10 -8.86 4.92
CA TRP A 47 -14.85 -8.59 5.61
C TRP A 47 -14.80 -7.17 6.17
N LEU A 48 -15.28 -6.20 5.41
CA LEU A 48 -15.27 -4.82 5.90
C LEU A 48 -16.23 -4.64 7.05
N GLU A 49 -17.38 -5.32 6.99
CA GLU A 49 -18.31 -5.19 8.11
C GLU A 49 -17.74 -5.85 9.37
N ARG A 50 -17.12 -7.01 9.23
CA ARG A 50 -16.45 -7.65 10.36
CA ARG A 50 -16.46 -7.61 10.36
C ARG A 50 -15.35 -6.71 10.91
N ALA A 51 -14.63 -6.04 10.03
CA ALA A 51 -13.54 -5.17 10.48
C ALA A 51 -14.09 -4.04 11.34
N ARG A 52 -15.25 -3.54 10.94
CA ARG A 52 -15.88 -2.47 11.69
C ARG A 52 -16.38 -2.99 13.02
N ARG A 53 -16.93 -4.18 13.02
CA ARG A 53 -17.46 -4.72 14.28
C ARG A 53 -16.38 -5.00 15.30
N VAL A 54 -15.24 -5.52 14.85
CA VAL A 54 -14.21 -5.95 15.77
C VAL A 54 -13.30 -4.80 16.15
N GLY A 55 -13.44 -3.67 15.48
CA GLY A 55 -12.75 -2.46 15.81
C GLY A 55 -11.34 -2.33 15.20
N ILE A 56 -11.14 -2.85 14.01
CA ILE A 56 -9.89 -2.67 13.29
CA ILE A 56 -9.88 -2.66 13.31
C ILE A 56 -9.63 -1.15 13.16
N ARG A 57 -8.40 -0.73 13.38
CA ARG A 57 -8.02 0.67 13.28
C ARG A 57 -7.78 1.09 11.82
N GLU A 58 -8.54 2.07 11.33
CA GLU A 58 -8.40 2.56 9.95
C GLU A 58 -8.42 1.43 8.92
N PRO A 59 -9.54 0.70 8.88
CA PRO A 59 -9.55 -0.44 7.96
C PRO A 59 -9.63 -0.05 6.51
N ARG A 60 -10.05 1.20 6.21
CA ARG A 60 -10.25 1.61 4.84
CA ARG A 60 -10.28 1.63 4.84
C ARG A 60 -9.11 2.45 4.26
N ALA A 61 -7.96 2.43 4.93
CA ALA A 61 -6.70 3.08 4.49
C ALA A 61 -6.07 2.19 3.42
N LEU A 62 -6.30 2.57 2.18
CA LEU A 62 -5.91 1.79 1.02
C LEU A 62 -4.57 2.27 0.48
N ALA A 63 -3.57 1.39 0.37
CA ALA A 63 -2.32 1.71 -0.29
C ALA A 63 -2.54 1.52 -1.79
N LEU A 64 -2.70 2.66 -2.47
CA LEU A 64 -3.14 2.71 -3.87
C LEU A 64 -1.96 2.94 -4.78
N ALA A 65 -1.80 2.04 -5.74
CA ALA A 65 -0.74 2.10 -6.76
C ALA A 65 -1.32 2.44 -8.09
N THR A 66 -0.65 3.39 -8.75
CA THR A 66 -0.87 3.75 -10.10
C THR A 66 0.45 3.63 -10.82
N ALA A 67 0.48 3.87 -12.14
CA ALA A 67 1.77 3.85 -12.87
C ALA A 67 1.82 4.89 -14.00
N ASP A 68 3.01 5.46 -14.20
CA ASP A 68 3.20 6.46 -15.21
C ASP A 68 3.28 5.83 -16.63
N SER A 69 3.52 6.65 -17.66
CA SER A 69 3.56 6.18 -19.03
CA SER A 69 3.53 6.17 -19.03
C SER A 69 4.71 5.25 -19.35
N GLN A 70 5.71 5.19 -18.48
CA GLN A 70 6.83 4.21 -18.59
C GLN A 70 6.57 2.91 -17.84
N GLY A 71 5.46 2.83 -17.13
CA GLY A 71 5.20 1.64 -16.38
C GLY A 71 5.85 1.70 -14.98
N ARG A 72 6.22 2.89 -14.51
CA ARG A 72 6.83 3.02 -13.18
C ARG A 72 5.74 3.26 -12.12
N PRO A 73 5.62 2.37 -11.13
CA PRO A 73 4.55 2.56 -10.15
C PRO A 73 4.83 3.73 -9.19
N SER A 74 3.74 4.24 -8.63
CA SER A 74 3.77 5.16 -7.50
C SER A 74 2.69 4.73 -6.54
N THR A 75 2.88 5.04 -5.27
CA THR A 75 1.96 4.63 -4.20
C THR A 75 1.70 5.73 -3.21
N ARG A 76 0.58 5.63 -2.51
CA ARG A 76 0.17 6.53 -1.43
C ARG A 76 -1.05 5.92 -0.78
N ILE A 77 -1.35 6.37 0.44
CA ILE A 77 -2.60 5.97 1.08
C ILE A 77 -3.76 6.89 0.62
N VAL A 78 -4.90 6.30 0.27
CA VAL A 78 -6.16 7.04 0.11
C VAL A 78 -7.19 6.29 0.95
N VAL A 79 -8.28 6.97 1.28
CA VAL A 79 -9.35 6.33 2.04
CA VAL A 79 -9.36 6.33 2.03
C VAL A 79 -10.48 5.89 1.10
N ILE A 80 -10.94 4.65 1.26
CA ILE A 80 -12.10 4.16 0.52
C ILE A 80 -13.33 4.80 1.15
N SER A 81 -14.07 5.54 0.35
CA SER A 81 -15.28 6.22 0.81
CA SER A 81 -15.26 6.24 0.82
C SER A 81 -16.51 5.37 0.77
N GLU A 82 -16.57 4.49 -0.20
CA GLU A 82 -17.75 3.65 -0.42
C GLU A 82 -17.36 2.41 -1.23
N ILE A 83 -18.15 1.35 -1.02
CA ILE A 83 -18.06 0.13 -1.82
C ILE A 83 -19.25 0.21 -2.74
N SER A 84 -19.02 0.16 -4.02
CA SER A 84 -20.05 0.25 -4.99
C SER A 84 -20.28 -1.12 -5.66
N ASP A 85 -21.24 -1.18 -6.56
CA ASP A 85 -21.56 -2.42 -7.24
C ASP A 85 -20.35 -2.95 -8.00
N ALA A 86 -19.60 -2.04 -8.61
CA ALA A 86 -18.47 -2.45 -9.48
C ALA A 86 -17.13 -2.48 -8.73
N GLY A 87 -17.03 -1.85 -7.56
CA GLY A 87 -15.73 -1.80 -6.90
C GLY A 87 -15.68 -0.95 -5.66
N VAL A 88 -14.73 -0.04 -5.61
CA VAL A 88 -14.60 0.88 -4.47
C VAL A 88 -14.36 2.30 -4.98
N VAL A 89 -14.69 3.27 -4.13
CA VAL A 89 -14.71 4.67 -4.53
C VAL A 89 -13.82 5.47 -3.57
N PHE A 90 -13.07 6.44 -4.10
CA PHE A 90 -12.25 7.35 -3.31
C PHE A 90 -12.25 8.73 -3.98
N SER A 91 -11.87 9.76 -3.22
CA SER A 91 -11.74 11.10 -3.74
CA SER A 91 -11.76 11.11 -3.77
C SER A 91 -10.30 11.56 -3.72
N THR A 92 -9.96 12.47 -4.61
CA THR A 92 -8.61 12.99 -4.68
C THR A 92 -8.64 14.28 -5.53
N HIS A 93 -7.47 14.81 -5.85
CA HIS A 93 -7.37 15.90 -6.79
C HIS A 93 -6.86 15.45 -8.13
N ALA A 94 -7.51 15.92 -9.20
CA ALA A 94 -7.21 15.48 -10.54
C ALA A 94 -5.76 15.80 -10.96
N GLY A 95 -5.22 16.90 -10.47
CA GLY A 95 -3.88 17.30 -10.81
C GLY A 95 -2.76 16.70 -9.98
N SER A 96 -3.11 15.83 -9.04
CA SER A 96 -2.11 15.13 -8.22
C SER A 96 -1.39 14.12 -9.08
N GLN A 97 -0.32 13.50 -8.54
CA GLN A 97 0.35 12.46 -9.29
C GLN A 97 -0.58 11.31 -9.65
N LYS A 98 -1.36 10.85 -8.67
CA LYS A 98 -2.25 9.74 -8.93
C LYS A 98 -3.29 10.13 -9.95
N GLY A 99 -3.79 11.37 -9.92
CA GLY A 99 -4.80 11.77 -10.88
C GLY A 99 -4.25 11.85 -12.27
N ARG A 100 -3.05 12.42 -12.41
CA ARG A 100 -2.41 12.49 -13.71
CA ARG A 100 -2.41 12.48 -13.71
C ARG A 100 -2.08 11.10 -14.24
N GLU A 101 -1.66 10.21 -13.37
CA GLU A 101 -1.32 8.87 -13.83
C GLU A 101 -2.59 8.15 -14.28
N LEU A 102 -3.64 8.24 -13.48
CA LEU A 102 -4.89 7.56 -13.83
C LEU A 102 -5.53 8.08 -15.10
N LEU A 103 -5.36 9.37 -15.39
CA LEU A 103 -5.90 9.95 -16.61
C LEU A 103 -5.33 9.28 -17.85
N HIS A 104 -4.07 8.88 -17.80
CA HIS A 104 -3.42 8.26 -18.95
C HIS A 104 -3.38 6.75 -18.88
N ASN A 105 -3.44 6.20 -17.68
CA ASN A 105 -3.34 4.75 -17.45
C ASN A 105 -4.30 4.42 -16.35
N PRO A 106 -5.48 3.91 -16.71
CA PRO A 106 -6.51 3.72 -15.68
CA PRO A 106 -6.50 3.72 -15.66
C PRO A 106 -6.27 2.55 -14.73
N TRP A 107 -5.33 1.68 -15.03
CA TRP A 107 -5.12 0.51 -14.19
C TRP A 107 -4.45 0.86 -12.89
N ALA A 108 -4.98 0.28 -11.83
CA ALA A 108 -4.53 0.54 -10.48
C ALA A 108 -4.65 -0.71 -9.64
N SER A 109 -3.99 -0.71 -8.51
CA SER A 109 -4.10 -1.80 -7.55
C SER A 109 -3.99 -1.20 -6.20
N GLY A 110 -4.76 -1.66 -5.24
CA GLY A 110 -4.62 -1.24 -3.86
C GLY A 110 -4.67 -2.39 -2.87
N VAL A 111 -3.99 -2.21 -1.75
CA VAL A 111 -4.03 -3.18 -0.69
C VAL A 111 -4.49 -2.56 0.62
N LEU A 112 -5.40 -3.30 1.28
CA LEU A 112 -5.78 -3.07 2.65
C LEU A 112 -5.04 -4.10 3.51
N TYR A 113 -4.42 -3.66 4.60
CA TYR A 113 -3.73 -4.60 5.50
C TYR A 113 -4.13 -4.29 6.90
N TRP A 114 -4.70 -5.28 7.58
CA TRP A 114 -5.17 -5.14 8.94
C TRP A 114 -4.28 -5.94 9.88
N ARG A 115 -3.40 -5.23 10.56
CA ARG A 115 -2.44 -5.83 11.45
C ARG A 115 -3.10 -6.70 12.51
N GLU A 116 -4.20 -6.23 13.05
CA GLU A 116 -4.82 -6.91 14.18
C GLU A 116 -5.31 -8.30 13.90
N THR A 117 -5.72 -8.56 12.67
CA THR A 117 -6.22 -9.86 12.29
C THR A 117 -5.32 -10.57 11.29
N SER A 118 -4.19 -9.96 10.94
CA SER A 118 -3.30 -10.51 9.92
C SER A 118 -4.06 -10.86 8.63
N GLN A 119 -4.77 -9.87 8.10
CA GLN A 119 -5.56 -10.02 6.87
C GLN A 119 -5.18 -8.95 5.85
N GLN A 120 -5.15 -9.35 4.59
CA GLN A 120 -4.98 -8.37 3.49
C GLN A 120 -6.09 -8.54 2.50
N ILE A 121 -6.46 -7.45 1.85
CA ILE A 121 -7.37 -7.49 0.71
C ILE A 121 -6.67 -6.71 -0.41
N ILE A 122 -6.50 -7.36 -1.56
CA ILE A 122 -5.87 -6.75 -2.70
C ILE A 122 -6.94 -6.56 -3.76
N LEU A 123 -6.99 -5.33 -4.30
CA LEU A 123 -8.05 -4.87 -5.19
C LEU A 123 -7.42 -4.36 -6.49
N ASN A 124 -7.69 -5.00 -7.60
CA ASN A 124 -7.09 -4.64 -8.89
C ASN A 124 -8.15 -4.26 -9.89
N GLY A 125 -7.94 -3.19 -10.64
CA GLY A 125 -8.93 -2.90 -11.69
C GLY A 125 -8.62 -1.59 -12.40
N GLN A 126 -9.64 -0.98 -13.00
CA GLN A 126 -9.48 0.27 -13.71
C GLN A 126 -10.22 1.37 -13.00
N ALA A 127 -9.58 2.52 -12.77
N ALA A 127 -9.54 2.50 -12.86
CA ALA A 127 -10.27 3.59 -12.05
CA ALA A 127 -10.13 3.68 -12.27
C ALA A 127 -10.71 4.65 -13.02
C ALA A 127 -10.90 4.46 -13.33
N VAL A 128 -11.99 5.04 -12.91
CA VAL A 128 -12.72 5.92 -13.82
CA VAL A 128 -12.72 5.94 -13.81
C VAL A 128 -13.19 7.13 -13.01
N ARG A 129 -12.97 8.33 -13.53
CA ARG A 129 -13.40 9.55 -12.89
C ARG A 129 -14.91 9.67 -13.05
N LEU A 130 -15.60 9.95 -11.94
CA LEU A 130 -17.05 10.07 -11.95
C LEU A 130 -17.45 11.50 -12.26
N PRO A 131 -18.75 11.73 -12.55
CA PRO A 131 -19.14 13.08 -12.99
C PRO A 131 -19.07 14.11 -11.89
N ASN A 132 -19.16 15.36 -12.32
CA ASN A 132 -19.09 16.46 -11.37
C ASN A 132 -20.21 16.49 -10.33
N ALA A 133 -21.42 16.00 -10.62
CA ALA A 133 -22.48 15.99 -9.58
C ALA A 133 -22.12 15.02 -8.45
N LYS A 134 -21.44 13.91 -8.79
CA LYS A 134 -20.94 13.00 -7.76
C LYS A 134 -19.84 13.66 -6.93
N ALA A 135 -18.94 14.40 -7.59
CA ALA A 135 -17.87 15.10 -6.88
C ALA A 135 -18.45 16.16 -5.96
N ASP A 136 -19.50 16.85 -6.41
CA ASP A 136 -20.12 17.90 -5.61
C ASP A 136 -20.70 17.29 -4.32
N ASP A 137 -21.37 16.15 -4.46
CA ASP A 137 -21.91 15.48 -3.30
C ASP A 137 -20.81 15.01 -2.35
N ALA A 138 -19.75 14.42 -2.88
CA ALA A 138 -18.65 13.97 -2.04
C ALA A 138 -18.03 15.15 -1.27
N TRP A 139 -17.82 16.25 -1.97
CA TRP A 139 -17.27 17.46 -1.38
C TRP A 139 -18.14 17.97 -0.24
N LEU A 140 -19.45 18.03 -0.46
CA LEU A 140 -20.34 18.48 0.61
C LEU A 140 -20.41 17.52 1.80
N LYS A 141 -20.03 16.27 1.59
CA LYS A 141 -20.06 15.29 2.67
CA LYS A 141 -20.05 15.30 2.67
C LYS A 141 -18.78 15.30 3.51
N ARG A 142 -17.75 16.01 3.07
CA ARG A 142 -16.55 16.18 3.86
C ARG A 142 -16.84 17.19 4.95
N PRO A 143 -16.20 17.02 6.10
CA PRO A 143 -16.33 18.02 7.15
C PRO A 143 -15.91 19.35 6.59
N TYR A 144 -16.68 20.39 6.87
CA TYR A 144 -16.37 21.68 6.27
C TYR A 144 -15.03 22.25 6.73
N ALA A 145 -14.50 21.77 7.86
CA ALA A 145 -13.17 22.22 8.32
C ALA A 145 -12.04 21.81 7.34
N THR A 146 -12.31 20.82 6.48
CA THR A 146 -11.38 20.40 5.45
C THR A 146 -11.39 21.28 4.21
N HIS A 147 -12.46 22.04 4.04
CA HIS A 147 -12.62 22.76 2.75
C HIS A 147 -11.54 23.84 2.50
N PRO A 148 -11.08 24.57 3.54
CA PRO A 148 -10.11 25.62 3.25
C PRO A 148 -8.80 25.10 2.65
N MET A 149 -8.17 24.08 3.26
CA MET A 149 -6.91 23.64 2.74
C MET A 149 -7.10 22.99 1.38
N SER A 150 -8.18 22.22 1.23
CA SER A 150 -8.40 21.55 -0.06
C SER A 150 -8.64 22.54 -1.18
N SER A 151 -9.16 23.71 -0.81
CA SER A 151 -9.38 24.78 -1.78
C SER A 151 -8.10 25.51 -2.20
N VAL A 152 -7.18 25.74 -1.28
CA VAL A 152 -5.99 26.52 -1.57
CA VAL A 152 -5.99 26.52 -1.57
C VAL A 152 -4.86 25.66 -2.16
N SER A 153 -4.85 24.37 -1.84
CA SER A 153 -3.73 23.50 -2.24
C SER A 153 -3.92 22.95 -3.62
N ARG A 154 -2.87 22.92 -4.39
CA ARG A 154 -2.86 22.26 -5.67
C ARG A 154 -2.04 20.98 -5.42
N GLN A 155 -2.74 19.96 -4.98
CA GLN A 155 -2.13 18.74 -4.46
C GLN A 155 -0.99 18.22 -5.33
N SER A 156 0.19 18.04 -4.68
CA SER A 156 1.40 17.42 -5.24
C SER A 156 2.24 18.34 -6.11
N GLU A 157 1.77 19.56 -6.35
CA GLU A 157 2.63 20.58 -6.93
C GLU A 157 3.65 21.04 -5.88
N GLU A 158 4.72 21.67 -6.29
CA GLU A 158 5.71 22.14 -5.34
C GLU A 158 5.09 23.23 -4.50
N LEU A 159 5.40 23.21 -3.22
CA LEU A 159 4.95 24.23 -2.25
C LEU A 159 6.11 25.19 -2.06
N GLN A 160 5.96 26.40 -2.58
CA GLN A 160 7.02 27.38 -2.55
C GLN A 160 7.05 28.22 -1.29
N ASP A 161 5.90 28.39 -0.67
CA ASP A 161 5.78 29.31 0.48
C ASP A 161 4.75 28.73 1.46
N VAL A 162 5.27 28.04 2.48
CA VAL A 162 4.42 27.35 3.46
C VAL A 162 3.53 28.35 4.19
N GLN A 163 4.10 29.43 4.70
CA GLN A 163 3.32 30.41 5.46
C GLN A 163 2.21 31.04 4.59
N ALA A 164 2.50 31.33 3.34
CA ALA A 164 1.46 31.90 2.46
C ALA A 164 0.27 30.94 2.30
N MET A 165 0.53 29.65 2.18
CA MET A 165 -0.53 28.66 2.08
C MET A 165 -1.31 28.63 3.39
N ARG A 166 -0.61 28.60 4.51
CA ARG A 166 -1.25 28.52 5.81
C ARG A 166 -2.16 29.74 6.00
N ASN A 167 -1.67 30.92 5.63
CA ASN A 167 -2.43 32.14 5.86
C ASN A 167 -3.64 32.22 4.93
N ALA A 168 -3.51 31.77 3.67
CA ALA A 168 -4.63 31.77 2.76
C ALA A 168 -5.76 30.84 3.26
N ALA A 169 -5.39 29.67 3.74
CA ALA A 169 -6.36 28.73 4.27
C ALA A 169 -7.01 29.29 5.53
N ARG A 170 -6.25 29.96 6.40
CA ARG A 170 -6.82 30.58 7.61
C ARG A 170 -7.89 31.59 7.21
N GLN A 171 -7.64 32.33 6.14
CA GLN A 171 -8.64 33.30 5.69
C GLN A 171 -9.94 32.58 5.36
N LEU A 172 -9.87 31.50 4.60
CA LEU A 172 -11.07 30.76 4.22
C LEU A 172 -11.71 30.04 5.41
N ALA A 173 -10.93 29.69 6.43
CA ALA A 173 -11.46 28.99 7.60
C ALA A 173 -12.38 29.86 8.42
N GLU A 174 -12.25 31.18 8.24
CA GLU A 174 -13.09 32.13 8.96
C GLU A 174 -14.53 32.09 8.45
N LEU A 175 -14.75 31.56 7.26
CA LEU A 175 -16.09 31.51 6.71
CA LEU A 175 -16.09 31.51 6.69
C LEU A 175 -16.96 30.40 7.29
N GLN A 176 -18.25 30.56 7.14
CA GLN A 176 -19.19 29.44 7.38
C GLN A 176 -19.20 28.54 6.14
N GLY A 177 -18.82 27.28 6.31
CA GLY A 177 -18.75 26.36 5.16
C GLY A 177 -20.20 26.08 4.85
N PRO A 178 -20.43 25.32 3.79
CA PRO A 178 -19.44 24.77 2.89
C PRO A 178 -18.90 25.82 1.89
N LEU A 179 -17.68 25.60 1.42
CA LEU A 179 -17.12 26.36 0.32
C LEU A 179 -17.51 25.72 -1.02
N PRO A 180 -17.37 26.45 -2.13
CA PRO A 180 -17.52 25.83 -3.45
C PRO A 180 -16.55 24.65 -3.64
N ARG A 181 -16.96 23.62 -4.36
CA ARG A 181 -16.01 22.56 -4.74
C ARG A 181 -14.94 23.12 -5.67
N PRO A 182 -13.66 22.91 -5.29
CA PRO A 182 -12.62 23.31 -6.20
C PRO A 182 -12.55 22.45 -7.49
N GLU A 183 -12.22 23.03 -8.64
CA GLU A 183 -12.33 22.34 -9.96
C GLU A 183 -11.78 20.92 -10.04
N GLY A 184 -10.63 20.80 -9.49
CA GLY A 184 -9.92 19.51 -9.53
C GLY A 184 -10.30 18.48 -8.49
N TYR A 185 -11.18 18.81 -7.56
CA TYR A 185 -11.62 17.81 -6.58
CA TYR A 185 -11.62 17.81 -6.58
C TYR A 185 -12.53 16.81 -7.27
N CYS A 186 -12.12 15.56 -7.26
CA CYS A 186 -12.76 14.53 -8.06
CA CYS A 186 -12.77 14.53 -8.07
C CYS A 186 -12.91 13.22 -7.31
N VAL A 187 -13.80 12.40 -7.83
CA VAL A 187 -14.09 11.05 -7.30
C VAL A 187 -13.76 10.06 -8.39
N PHE A 188 -13.03 9.03 -7.98
CA PHE A 188 -12.74 7.87 -8.84
C PHE A 188 -13.44 6.62 -8.35
N GLU A 189 -13.89 5.80 -9.30
CA GLU A 189 -14.35 4.47 -8.98
C GLU A 189 -13.36 3.49 -9.53
N LEU A 190 -12.83 2.68 -8.63
CA LEU A 190 -11.95 1.58 -9.03
C LEU A 190 -12.82 0.34 -9.33
N ARG A 191 -13.04 0.11 -10.62
CA ARG A 191 -13.89 -0.96 -11.10
C ARG A 191 -13.07 -2.23 -11.17
N LEU A 192 -13.45 -3.19 -10.36
CA LEU A 192 -12.54 -4.29 -10.07
C LEU A 192 -12.54 -5.38 -11.16
N GLU A 193 -11.35 -5.87 -11.47
CA GLU A 193 -11.15 -7.01 -12.37
C GLU A 193 -10.63 -8.23 -11.63
N SER A 194 -9.99 -8.01 -10.47
CA SER A 194 -9.52 -9.11 -9.65
C SER A 194 -9.42 -8.68 -8.22
N LEU A 195 -9.51 -9.65 -7.30
CA LEU A 195 -9.38 -9.38 -5.86
C LEU A 195 -8.67 -10.53 -5.22
N GLU A 196 -7.94 -10.31 -4.15
CA GLU A 196 -7.41 -11.41 -3.37
C GLU A 196 -7.71 -11.12 -1.92
N PHE A 197 -8.14 -12.16 -1.21
CA PHE A 197 -8.31 -12.14 0.25
C PHE A 197 -7.25 -13.05 0.84
N TRP A 198 -6.50 -12.52 1.79
CA TRP A 198 -5.36 -13.18 2.38
C TRP A 198 -5.57 -13.22 3.87
N GLY A 199 -5.41 -14.42 4.45
CA GLY A 199 -5.37 -14.57 5.88
C GLY A 199 -4.17 -15.42 6.30
N ASN A 200 -3.80 -15.34 7.58
CA ASN A 200 -2.61 -15.98 8.03
C ASN A 200 -2.70 -17.51 8.01
N GLY A 201 -3.90 -18.06 8.15
CA GLY A 201 -4.07 -19.50 8.09
C GLY A 201 -3.42 -20.23 9.27
N GLN A 202 -3.23 -21.54 9.12
CA GLN A 202 -2.56 -22.34 10.14
C GLN A 202 -1.28 -22.97 9.56
N GLU A 203 -0.23 -23.07 10.39
CA GLU A 203 1.01 -23.77 10.01
C GLU A 203 1.77 -23.07 8.88
N ARG A 204 1.60 -21.77 8.79
CA ARG A 204 2.20 -20.94 7.73
C ARG A 204 1.62 -21.20 6.35
N LEU A 205 0.54 -22.01 6.31
CA LEU A 205 -0.19 -22.19 5.07
C LEU A 205 -1.13 -21.01 4.96
N HIS A 206 -0.57 -19.91 4.51
CA HIS A 206 -1.38 -18.70 4.48
C HIS A 206 -2.48 -18.93 3.42
N GLU A 207 -3.66 -18.38 3.70
CA GLU A 207 -4.84 -18.67 2.95
C GLU A 207 -5.09 -17.51 1.97
N ARG A 208 -5.08 -17.85 0.69
CA ARG A 208 -5.15 -16.87 -0.40
C ARG A 208 -6.29 -17.28 -1.30
N LEU A 209 -7.30 -16.40 -1.38
CA LEU A 209 -8.46 -16.62 -2.22
C LEU A 209 -8.49 -15.57 -3.28
N ARG A 210 -8.35 -15.95 -4.53
CA ARG A 210 -8.16 -15.06 -5.67
C ARG A 210 -9.34 -15.13 -6.63
N TYR A 211 -9.93 -13.98 -6.95
CA TYR A 211 -11.03 -13.88 -7.90
C TYR A 211 -10.59 -13.10 -9.12
N ASP A 212 -11.06 -13.54 -10.30
CA ASP A 212 -10.80 -12.86 -11.56
C ASP A 212 -12.10 -12.77 -12.30
N ARG A 213 -12.43 -11.60 -12.82
CA ARG A 213 -13.66 -11.41 -13.56
C ARG A 213 -13.62 -12.18 -14.87
N SER A 214 -14.77 -12.79 -15.20
CA SER A 214 -14.95 -13.44 -16.48
C SER A 214 -16.03 -12.70 -17.25
N ASP A 215 -16.31 -13.18 -18.45
CA ASP A 215 -17.33 -12.61 -19.29
C ASP A 215 -18.71 -12.68 -18.63
N THR A 216 -18.94 -13.73 -17.84
CA THR A 216 -20.27 -13.98 -17.28
C THR A 216 -20.35 -13.85 -15.76
N GLY A 217 -19.21 -13.68 -15.08
CA GLY A 217 -19.23 -13.59 -13.64
C GLY A 217 -17.81 -13.50 -13.13
N TRP A 218 -17.47 -14.44 -12.26
CA TRP A 218 -16.16 -14.46 -11.59
C TRP A 218 -15.64 -15.90 -11.52
N ASN A 219 -14.34 -16.06 -11.70
CA ASN A 219 -13.64 -17.31 -11.42
C ASN A 219 -12.93 -17.16 -10.11
N VAL A 220 -12.78 -18.24 -9.38
CA VAL A 220 -12.19 -18.25 -8.09
C VAL A 220 -11.14 -19.35 -7.98
N ARG A 221 -10.02 -19.06 -7.34
CA ARG A 221 -8.93 -20.01 -7.14
C ARG A 221 -8.32 -19.81 -5.76
N ARG A 222 -7.71 -20.84 -5.19
CA ARG A 222 -6.77 -20.69 -4.08
C ARG A 222 -5.36 -20.52 -4.65
N LEU A 223 -4.53 -19.70 -3.99
CA LEU A 223 -3.12 -19.56 -4.40
C LEU A 223 -2.19 -20.09 -3.34
N GLN A 224 -1.05 -20.54 -3.81
CA GLN A 224 0.01 -21.01 -2.93
C GLN A 224 0.65 -19.86 -2.18
N PRO A 225 0.93 -20.05 -0.87
CA PRO A 225 1.42 -18.93 -0.04
C PRO A 225 2.82 -18.42 -0.31
N SER B 19 -16.59 12.11 8.31
CA SER B 19 -15.53 12.23 9.32
C SER B 19 -14.18 12.04 8.68
N GLU B 20 -13.18 12.78 9.16
CA GLU B 20 -11.80 12.55 8.71
C GLU B 20 -11.36 11.23 9.32
N SER B 21 -10.47 10.53 8.66
CA SER B 21 -10.25 9.15 9.07
C SER B 21 -8.99 8.97 9.89
N LEU B 22 -8.13 10.00 10.00
CA LEU B 22 -6.90 9.84 10.77
C LEU B 22 -7.18 9.61 12.24
N THR B 23 -6.49 8.65 12.84
CA THR B 23 -6.67 8.35 14.24
C THR B 23 -5.43 8.59 15.07
N GLY B 24 -4.31 8.95 14.44
CA GLY B 24 -3.09 9.05 15.18
C GLY B 24 -3.11 10.12 16.25
N THR B 25 -2.50 9.81 17.40
CA THR B 25 -2.40 10.74 18.50
C THR B 25 -1.01 10.92 19.10
N LEU B 26 -0.01 10.16 18.62
CA LEU B 26 1.32 10.25 19.17
C LEU B 26 2.03 11.39 18.45
N ASP B 27 2.79 12.15 19.25
CA ASP B 27 3.66 13.23 18.74
C ASP B 27 4.60 12.60 17.75
N ALA B 28 4.81 13.30 16.63
CA ALA B 28 5.61 12.82 15.54
C ALA B 28 6.47 13.96 15.04
N PRO B 29 7.58 14.20 15.69
CA PRO B 29 8.41 15.35 15.33
C PRO B 29 8.88 15.27 13.90
N PHE B 30 8.83 16.38 13.16
CA PHE B 30 9.25 16.40 11.76
C PHE B 30 10.09 17.65 11.52
N PRO B 31 11.20 17.76 12.25
CA PRO B 31 12.05 18.94 12.01
C PRO B 31 12.61 18.98 10.60
N GLU B 32 12.69 17.80 9.95
CA GLU B 32 13.31 17.72 8.63
C GLU B 32 12.48 18.51 7.60
N TYR B 33 11.18 18.66 7.85
CA TYR B 33 10.36 19.48 6.96
C TYR B 33 10.84 20.94 6.98
N GLN B 34 11.37 21.36 8.12
CA GLN B 34 11.90 22.72 8.24
C GLN B 34 13.34 22.82 7.73
N THR B 35 14.16 21.82 8.04
CA THR B 35 15.59 21.94 7.84
C THR B 35 16.09 21.36 6.51
N LEU B 36 15.25 20.57 5.83
CA LEU B 36 15.58 20.01 4.49
C LEU B 36 16.97 19.38 4.44
N PRO B 37 17.16 18.30 5.18
CA PRO B 37 18.45 17.60 5.11
C PRO B 37 18.78 17.20 3.69
N ALA B 38 20.07 17.28 3.34
CA ALA B 38 20.49 16.98 1.99
C ALA B 38 20.42 15.49 1.65
N ASP B 39 20.38 14.64 2.66
CA ASP B 39 20.60 13.19 2.51
C ASP B 39 19.39 12.44 3.06
N PRO B 40 18.44 12.06 2.20
CA PRO B 40 17.18 11.49 2.71
C PRO B 40 17.25 10.19 3.47
N MET B 41 18.33 9.39 3.27
CA MET B 41 18.40 8.15 4.04
C MET B 41 18.53 8.47 5.54
N SER B 42 19.05 9.64 5.91
CA SER B 42 19.16 9.94 7.31
C SER B 42 17.75 10.16 7.90
N VAL B 43 16.86 10.73 7.09
CA VAL B 43 15.48 10.96 7.54
C VAL B 43 14.75 9.62 7.67
N LEU B 44 14.98 8.70 6.73
CA LEU B 44 14.44 7.37 6.82
C LEU B 44 14.92 6.69 8.11
N HIS B 45 16.21 6.77 8.38
CA HIS B 45 16.73 6.17 9.60
C HIS B 45 16.08 6.84 10.82
N ASN B 46 15.98 8.16 10.84
CA ASN B 46 15.47 8.90 12.02
C ASN B 46 14.00 8.38 12.25
N TRP B 47 13.19 8.30 11.21
CA TRP B 47 11.78 7.94 11.37
C TRP B 47 11.63 6.50 11.80
N LEU B 48 12.41 5.61 11.19
CA LEU B 48 12.31 4.20 11.59
C LEU B 48 12.80 3.97 13.02
N GLU B 49 13.84 4.67 13.44
CA GLU B 49 14.31 4.50 14.81
C GLU B 49 13.29 5.02 15.80
N ARG B 50 12.65 6.14 15.47
CA ARG B 50 11.62 6.65 16.38
C ARG B 50 10.45 5.68 16.42
N ALA B 51 10.08 5.11 15.27
CA ALA B 51 8.98 4.15 15.23
C ALA B 51 9.26 2.94 16.13
N ARG B 52 10.51 2.50 16.15
CA ARG B 52 10.88 1.42 17.04
C ARG B 52 10.81 1.84 18.51
N ARG B 53 11.27 3.03 18.82
CA ARG B 53 11.29 3.47 20.21
C ARG B 53 9.90 3.71 20.79
N VAL B 54 8.96 4.19 20.00
CA VAL B 54 7.63 4.48 20.50
C VAL B 54 6.69 3.29 20.40
N GLY B 55 7.11 2.25 19.73
CA GLY B 55 6.29 1.06 19.66
C GLY B 55 5.25 1.01 18.57
N ILE B 56 5.54 1.59 17.42
CA ILE B 56 4.66 1.50 16.30
C ILE B 56 4.48 0.02 15.96
N ARG B 57 3.26 -0.37 15.64
CA ARG B 57 3.01 -1.75 15.28
CA ARG B 57 3.01 -1.76 15.29
C ARG B 57 3.36 -2.03 13.84
N GLU B 58 4.31 -2.95 13.62
CA GLU B 58 4.72 -3.41 12.29
C GLU B 58 5.07 -2.23 11.37
N PRO B 59 6.06 -1.47 11.80
CA PRO B 59 6.35 -0.26 11.01
C PRO B 59 6.95 -0.61 9.64
N ARG B 60 7.54 -1.81 9.53
CA ARG B 60 8.21 -2.18 8.29
CA ARG B 60 8.22 -2.18 8.30
C ARG B 60 7.38 -2.98 7.30
N ALA B 61 6.08 -3.04 7.51
CA ALA B 61 5.14 -3.66 6.59
C ALA B 61 4.92 -2.70 5.46
N LEU B 62 5.53 -3.01 4.32
CA LEU B 62 5.57 -2.20 3.12
C LEU B 62 4.54 -2.65 2.10
N ALA B 63 3.64 -1.74 1.69
CA ALA B 63 2.72 -2.04 0.61
C ALA B 63 3.50 -1.78 -0.68
N LEU B 64 3.93 -2.85 -1.32
CA LEU B 64 4.85 -2.81 -2.43
C LEU B 64 4.12 -2.98 -3.74
N ALA B 65 4.30 -2.01 -4.64
CA ALA B 65 3.68 -2.04 -5.96
C ALA B 65 4.70 -2.33 -7.04
N THR B 66 4.34 -3.23 -7.92
CA THR B 66 5.12 -3.53 -9.11
C THR B 66 4.17 -3.39 -10.29
N ALA B 67 4.67 -3.53 -11.50
CA ALA B 67 3.78 -3.44 -12.67
C ALA B 67 4.06 -4.50 -13.73
N ASP B 68 3.01 -4.95 -14.38
CA ASP B 68 3.15 -5.98 -15.43
C ASP B 68 3.64 -5.40 -16.72
N SER B 69 3.73 -6.23 -17.73
CA SER B 69 4.33 -5.80 -18.97
C SER B 69 3.56 -4.69 -19.70
N GLN B 70 2.32 -4.48 -19.35
CA GLN B 70 1.50 -3.40 -19.92
C GLN B 70 1.36 -2.21 -18.99
N GLY B 71 2.10 -2.22 -17.89
CA GLY B 71 2.03 -1.11 -16.92
C GLY B 71 0.87 -1.19 -15.92
N ARG B 72 0.27 -2.36 -15.77
CA ARG B 72 -0.82 -2.51 -14.83
C ARG B 72 -0.23 -2.88 -13.46
N PRO B 73 -0.50 -2.05 -12.42
CA PRO B 73 0.10 -2.29 -11.12
C PRO B 73 -0.52 -3.48 -10.40
N SER B 74 0.29 -4.04 -9.51
CA SER B 74 -0.17 -5.02 -8.52
C SER B 74 0.46 -4.65 -7.19
N THR B 75 -0.17 -5.04 -6.10
CA THR B 75 0.28 -4.66 -4.76
C THR B 75 0.17 -5.83 -3.79
N ARG B 76 0.94 -5.78 -2.71
CA ARG B 76 0.84 -6.74 -1.61
C ARG B 76 1.76 -6.21 -0.53
N ILE B 77 1.63 -6.70 0.69
CA ILE B 77 2.55 -6.35 1.74
C ILE B 77 3.78 -7.24 1.69
N VAL B 78 4.96 -6.62 1.87
CA VAL B 78 6.18 -7.37 2.17
C VAL B 78 6.85 -6.68 3.36
N VAL B 79 7.75 -7.36 4.02
CA VAL B 79 8.49 -6.79 5.13
CA VAL B 79 8.48 -6.77 5.13
C VAL B 79 9.87 -6.30 4.72
N ILE B 80 10.19 -5.07 5.08
CA ILE B 80 11.54 -4.57 4.93
C ILE B 80 12.43 -5.25 5.95
N SER B 81 13.42 -6.02 5.46
CA SER B 81 14.32 -6.75 6.34
CA SER B 81 14.34 -6.74 6.33
C SER B 81 15.53 -5.91 6.77
N GLU B 82 15.97 -4.97 5.93
CA GLU B 82 17.14 -4.17 6.18
C GLU B 82 17.02 -2.88 5.43
N ILE B 83 17.71 -1.85 5.97
CA ILE B 83 17.95 -0.60 5.27
C ILE B 83 19.39 -0.65 4.83
N SER B 84 19.60 -0.43 3.55
CA SER B 84 20.95 -0.45 2.96
C SER B 84 21.41 0.94 2.62
N ASP B 85 22.62 1.09 2.06
CA ASP B 85 23.08 2.40 1.71
C ASP B 85 22.23 3.02 0.60
N ALA B 86 21.76 2.19 -0.32
CA ALA B 86 21.02 2.63 -1.50
C ALA B 86 19.48 2.56 -1.34
N GLY B 87 18.98 1.87 -0.31
CA GLY B 87 17.56 1.73 -0.21
C GLY B 87 17.10 0.75 0.84
N VAL B 88 16.19 -0.13 0.47
CA VAL B 88 15.62 -1.07 1.42
C VAL B 88 15.63 -2.46 0.76
N VAL B 89 15.65 -3.47 1.60
CA VAL B 89 15.81 -4.86 1.16
C VAL B 89 14.64 -5.67 1.69
N PHE B 90 14.16 -6.59 0.86
CA PHE B 90 13.14 -7.54 1.22
C PHE B 90 13.41 -8.89 0.52
N SER B 91 12.78 -9.95 1.03
CA SER B 91 12.89 -11.28 0.42
CA SER B 91 12.89 -11.28 0.43
C SER B 91 11.54 -11.72 -0.13
N THR B 92 11.56 -12.54 -1.16
CA THR B 92 10.34 -13.09 -1.73
C THR B 92 10.69 -14.29 -2.61
N HIS B 93 9.72 -14.80 -3.32
CA HIS B 93 9.99 -15.84 -4.33
C HIS B 93 10.08 -15.29 -5.74
N ALA B 94 11.10 -15.73 -6.48
CA ALA B 94 11.30 -15.20 -7.83
C ALA B 94 10.11 -15.47 -8.77
N GLY B 95 9.43 -16.61 -8.56
CA GLY B 95 8.30 -16.99 -9.39
C GLY B 95 6.94 -16.44 -9.01
N SER B 96 6.89 -15.65 -7.95
CA SER B 96 5.66 -15.02 -7.55
C SER B 96 5.29 -13.98 -8.57
N GLN B 97 4.08 -13.40 -8.43
CA GLN B 97 3.74 -12.29 -9.32
C GLN B 97 4.71 -11.10 -9.19
N LYS B 98 5.05 -10.71 -7.98
CA LYS B 98 5.95 -9.54 -7.83
C LYS B 98 7.34 -9.90 -8.39
N GLY B 99 7.79 -11.13 -8.21
CA GLY B 99 9.11 -11.51 -8.68
C GLY B 99 9.17 -11.51 -10.19
N ARG B 100 8.16 -12.06 -10.84
CA ARG B 100 8.10 -12.08 -12.29
CA ARG B 100 8.11 -12.10 -12.29
C ARG B 100 7.97 -10.67 -12.83
N GLU B 101 7.17 -9.85 -12.15
CA GLU B 101 7.05 -8.45 -12.63
C GLU B 101 8.36 -7.70 -12.50
N LEU B 102 9.06 -7.82 -11.38
CA LEU B 102 10.31 -7.12 -11.17
C LEU B 102 11.42 -7.53 -12.12
N LEU B 103 11.41 -8.79 -12.50
CA LEU B 103 12.47 -9.30 -13.34
C LEU B 103 12.34 -8.72 -14.73
N HIS B 104 11.14 -8.34 -15.14
CA HIS B 104 10.93 -7.70 -16.42
C HIS B 104 10.97 -6.16 -16.36
N ASN B 105 10.47 -5.59 -15.27
CA ASN B 105 10.34 -4.15 -15.07
C ASN B 105 10.76 -3.88 -13.63
N PRO B 106 12.00 -3.41 -13.42
CA PRO B 106 12.54 -3.26 -12.09
CA PRO B 106 12.53 -3.25 -12.07
C PRO B 106 11.91 -2.14 -11.28
N TRP B 107 11.12 -1.29 -11.90
CA TRP B 107 10.60 -0.14 -11.12
C TRP B 107 9.49 -0.57 -10.17
N ALA B 108 9.56 -0.04 -8.96
CA ALA B 108 8.61 -0.36 -7.92
C ALA B 108 8.40 0.85 -7.03
N SER B 109 7.31 0.81 -6.26
CA SER B 109 7.07 1.84 -5.26
C SER B 109 6.44 1.17 -4.08
N GLY B 110 6.81 1.59 -2.86
CA GLY B 110 6.19 1.06 -1.66
C GLY B 110 5.83 2.17 -0.71
N VAL B 111 4.79 1.94 0.06
CA VAL B 111 4.40 2.86 1.09
C VAL B 111 4.30 2.21 2.47
N LEU B 112 4.87 2.89 3.45
CA LEU B 112 4.72 2.62 4.89
C LEU B 112 3.72 3.66 5.42
N TYR B 113 2.80 3.17 6.23
CA TYR B 113 1.84 4.06 6.86
C TYR B 113 1.71 3.64 8.32
N TRP B 114 1.95 4.60 9.23
CA TRP B 114 1.89 4.38 10.68
C TRP B 114 0.72 5.12 11.26
N ARG B 115 -0.35 4.36 11.55
CA ARG B 115 -1.59 4.97 12.05
C ARG B 115 -1.35 5.77 13.33
N GLU B 116 -0.47 5.30 14.19
CA GLU B 116 -0.36 5.87 15.52
C GLU B 116 0.19 7.31 15.48
N THR B 117 1.01 7.64 14.48
CA THR B 117 1.63 8.94 14.36
C THR B 117 1.17 9.68 13.12
N SER B 118 0.24 9.11 12.35
CA SER B 118 -0.18 9.71 11.07
C SER B 118 1.00 10.07 10.19
N GLN B 119 1.89 9.10 9.96
CA GLN B 119 3.06 9.28 9.07
C GLN B 119 3.03 8.33 7.94
N GLN B 120 3.46 8.77 6.79
CA GLN B 120 3.60 7.93 5.65
C GLN B 120 5.01 8.11 5.09
N ILE B 121 5.60 7.06 4.54
CA ILE B 121 6.89 7.07 3.84
C ILE B 121 6.65 6.39 2.51
N ILE B 122 6.96 7.07 1.42
CA ILE B 122 6.84 6.54 0.09
C ILE B 122 8.23 6.37 -0.49
N LEU B 123 8.52 5.16 -0.98
CA LEU B 123 9.85 4.74 -1.41
C LEU B 123 9.76 4.27 -2.88
N ASN B 124 10.42 4.98 -3.81
CA ASN B 124 10.32 4.68 -5.24
C ASN B 124 11.70 4.34 -5.78
N GLY B 125 11.81 3.32 -6.61
CA GLY B 125 13.10 3.03 -7.20
C GLY B 125 13.10 1.80 -8.04
N GLN B 126 14.29 1.25 -8.24
CA GLN B 126 14.46 0.05 -9.07
C GLN B 126 14.95 -1.08 -8.18
N ALA B 127 14.27 -2.23 -8.29
CA ALA B 127 14.66 -3.40 -7.47
C ALA B 127 15.65 -4.26 -8.25
N VAL B 128 16.69 -4.67 -7.57
CA VAL B 128 17.77 -5.48 -8.11
C VAL B 128 17.80 -6.76 -7.28
N ARG B 129 17.86 -7.93 -7.96
CA ARG B 129 17.97 -9.19 -7.29
C ARG B 129 19.41 -9.33 -6.84
N LEU B 130 19.60 -9.63 -5.57
CA LEU B 130 20.94 -9.74 -5.00
C LEU B 130 21.51 -11.14 -5.21
N PRO B 131 22.84 -11.28 -5.08
CA PRO B 131 23.43 -12.60 -5.36
C PRO B 131 22.93 -13.75 -4.49
N ASN B 132 23.09 -14.96 -4.98
CA ASN B 132 22.64 -16.12 -4.23
C ASN B 132 23.30 -16.21 -2.81
N ALA B 133 24.53 -15.74 -2.66
CA ALA B 133 25.16 -15.82 -1.33
C ALA B 133 24.34 -15.02 -0.31
N LYS B 134 23.81 -13.88 -0.78
CA LYS B 134 22.97 -13.04 0.04
C LYS B 134 21.63 -13.75 0.36
N ALA B 135 21.05 -14.39 -0.66
CA ALA B 135 19.84 -15.13 -0.46
C ALA B 135 20.09 -16.27 0.53
N ASP B 136 21.24 -16.95 0.41
CA ASP B 136 21.53 -18.03 1.36
C ASP B 136 21.58 -17.53 2.80
N ASP B 137 22.23 -16.38 3.00
CA ASP B 137 22.31 -15.80 4.32
C ASP B 137 20.94 -15.38 4.86
N ALA B 138 20.13 -14.76 4.02
CA ALA B 138 18.79 -14.35 4.44
C ALA B 138 17.94 -15.57 4.82
N TRP B 139 18.05 -16.62 4.04
CA TRP B 139 17.26 -17.82 4.28
C TRP B 139 17.66 -18.38 5.65
N LEU B 140 18.96 -18.42 5.94
CA LEU B 140 19.41 -19.03 7.19
C LEU B 140 19.04 -18.20 8.41
N LYS B 141 18.82 -16.89 8.20
CA LYS B 141 18.40 -16.00 9.28
C LYS B 141 16.93 -16.10 9.61
N ARG B 142 16.14 -16.72 8.74
CA ARG B 142 14.73 -16.94 9.05
CA ARG B 142 14.72 -16.93 9.03
C ARG B 142 14.63 -18.05 10.09
N PRO B 143 13.64 -17.95 10.96
CA PRO B 143 13.41 -19.09 11.86
C PRO B 143 13.21 -20.39 11.08
N TYR B 144 13.81 -21.50 11.52
CA TYR B 144 13.78 -22.70 10.68
C TYR B 144 12.37 -23.27 10.59
N ALA B 145 11.50 -22.90 11.53
CA ALA B 145 10.07 -23.26 11.41
C ALA B 145 9.40 -22.72 10.15
N THR B 146 9.98 -21.69 9.54
CA THR B 146 9.40 -21.12 8.30
C THR B 146 9.86 -21.88 7.05
N HIS B 147 10.89 -22.72 7.20
CA HIS B 147 11.49 -23.35 6.04
C HIS B 147 10.59 -24.36 5.31
N PRO B 148 9.88 -25.22 6.05
CA PRO B 148 9.08 -26.22 5.32
C PRO B 148 8.05 -25.62 4.33
N MET B 149 7.24 -24.65 4.76
CA MET B 149 6.19 -24.16 3.87
C MET B 149 6.80 -23.38 2.74
N SER B 150 7.86 -22.61 3.06
CA SER B 150 8.53 -21.84 2.02
C SER B 150 9.19 -22.70 0.97
N SER B 151 9.51 -23.91 1.39
CA SER B 151 10.13 -24.89 0.47
C SER B 151 9.10 -25.55 -0.44
N VAL B 152 7.94 -25.92 0.11
CA VAL B 152 6.99 -26.67 -0.69
C VAL B 152 6.12 -25.76 -1.56
N SER B 153 5.95 -24.52 -1.13
CA SER B 153 5.03 -23.63 -1.85
C SER B 153 5.68 -22.96 -3.05
N ARG B 154 5.01 -22.99 -4.17
CA ARG B 154 5.40 -22.19 -5.32
C ARG B 154 4.53 -20.94 -5.28
N GLN B 155 5.08 -19.94 -4.61
CA GLN B 155 4.28 -18.74 -4.25
C GLN B 155 3.49 -18.17 -5.41
N SER B 156 2.17 -18.03 -5.22
CA SER B 156 1.27 -17.42 -6.18
C SER B 156 0.79 -18.29 -7.35
N GLU B 157 1.32 -19.50 -7.47
CA GLU B 157 0.72 -20.46 -8.40
CA GLU B 157 0.72 -20.45 -8.40
C GLU B 157 -0.58 -20.97 -7.79
N GLU B 158 -1.46 -21.52 -8.61
CA GLU B 158 -2.69 -22.08 -8.08
C GLU B 158 -2.40 -23.24 -7.11
N LEU B 159 -3.15 -23.25 -5.99
CA LEU B 159 -3.08 -24.31 -4.99
C LEU B 159 -4.23 -25.26 -5.25
N GLN B 160 -3.92 -26.45 -5.76
CA GLN B 160 -4.96 -27.40 -6.14
CA GLN B 160 -4.96 -27.40 -6.14
C GLN B 160 -5.38 -28.34 -5.02
N ASP B 161 -4.51 -28.59 -4.05
CA ASP B 161 -4.81 -29.54 -2.97
C ASP B 161 -4.18 -29.02 -1.67
N VAL B 162 -5.02 -28.39 -0.83
CA VAL B 162 -4.52 -27.76 0.39
C VAL B 162 -3.92 -28.80 1.32
N GLN B 163 -4.63 -29.91 1.50
CA GLN B 163 -4.18 -30.96 2.41
C GLN B 163 -2.85 -31.56 1.96
N ALA B 164 -2.64 -31.72 0.66
CA ALA B 164 -1.37 -32.27 0.16
C ALA B 164 -0.21 -31.35 0.51
N MET B 165 -0.44 -30.03 0.41
CA MET B 165 0.63 -29.12 0.72
C MET B 165 0.87 -29.14 2.23
N ARG B 166 -0.19 -29.20 3.01
CA ARG B 166 -0.06 -29.28 4.45
C ARG B 166 0.73 -30.55 4.85
N ASN B 167 0.35 -31.69 4.29
CA ASN B 167 1.02 -32.93 4.66
C ASN B 167 2.49 -32.94 4.25
N ALA B 168 2.78 -32.43 3.05
CA ALA B 168 4.16 -32.32 2.59
C ALA B 168 5.01 -31.47 3.54
N ALA B 169 4.50 -30.30 3.91
CA ALA B 169 5.28 -29.41 4.78
C ALA B 169 5.48 -30.04 6.17
N ARG B 170 4.44 -30.74 6.67
CA ARG B 170 4.57 -31.42 7.94
C ARG B 170 5.68 -32.48 7.90
N GLN B 171 5.80 -33.21 6.80
CA GLN B 171 6.88 -34.18 6.67
C GLN B 171 8.29 -33.51 6.70
N LEU B 172 8.43 -32.33 6.08
CA LEU B 172 9.71 -31.63 6.09
C LEU B 172 9.99 -31.07 7.44
N ALA B 173 8.93 -30.69 8.14
CA ALA B 173 9.09 -30.11 9.47
C ALA B 173 9.58 -31.11 10.50
N GLU B 174 9.61 -32.40 10.15
CA GLU B 174 10.11 -33.37 11.11
C GLU B 174 11.61 -33.18 11.37
N LEU B 175 12.36 -32.72 10.37
CA LEU B 175 13.78 -32.40 10.55
C LEU B 175 14.04 -31.54 11.80
N GLN B 176 13.23 -30.53 12.03
CA GLN B 176 13.44 -29.66 13.18
C GLN B 176 14.86 -29.07 13.11
N GLY B 177 15.15 -28.42 11.98
CA GLY B 177 16.44 -27.83 11.70
C GLY B 177 16.38 -27.19 10.32
N PRO B 178 17.41 -26.40 9.93
CA PRO B 178 17.34 -25.70 8.63
C PRO B 178 17.39 -26.63 7.42
N LEU B 179 16.67 -26.22 6.37
CA LEU B 179 16.63 -26.89 5.10
C LEU B 179 17.48 -26.07 4.12
N PRO B 180 17.83 -26.67 2.98
CA PRO B 180 18.52 -25.90 1.97
C PRO B 180 17.63 -24.77 1.45
N ARG B 181 18.24 -23.68 1.01
CA ARG B 181 17.44 -22.60 0.39
C ARG B 181 16.77 -23.11 -0.89
N PRO B 182 15.45 -22.92 -1.00
CA PRO B 182 14.78 -23.31 -2.25
C PRO B 182 15.17 -22.48 -3.44
N GLU B 183 15.20 -23.12 -4.60
CA GLU B 183 15.32 -22.42 -5.85
C GLU B 183 14.23 -21.36 -5.84
N GLY B 184 14.67 -20.17 -6.14
CA GLY B 184 13.74 -19.07 -6.29
C GLY B 184 13.53 -18.25 -5.06
N TYR B 185 14.00 -18.70 -3.89
CA TYR B 185 13.97 -17.81 -2.73
C TYR B 185 15.03 -16.75 -2.94
N CYS B 186 14.62 -15.50 -3.02
CA CYS B 186 15.53 -14.43 -3.45
CA CYS B 186 15.52 -14.42 -3.44
C CYS B 186 15.37 -13.17 -2.59
N VAL B 187 16.38 -12.32 -2.72
CA VAL B 187 16.42 -11.06 -1.98
C VAL B 187 16.57 -9.96 -3.01
N PHE B 188 15.73 -8.92 -2.86
CA PHE B 188 15.77 -7.75 -3.71
C PHE B 188 16.21 -6.53 -2.86
N GLU B 189 17.02 -5.68 -3.48
CA GLU B 189 17.27 -4.35 -2.96
C GLU B 189 16.53 -3.33 -3.81
N LEU B 190 15.65 -2.55 -3.19
CA LEU B 190 14.97 -1.46 -3.88
C LEU B 190 15.89 -0.28 -3.76
N ARG B 191 16.57 0.02 -4.84
CA ARG B 191 17.54 1.12 -4.87
CA ARG B 191 17.53 1.12 -4.88
C ARG B 191 16.80 2.42 -5.20
N LEU B 192 16.79 3.32 -4.23
CA LEU B 192 15.83 4.42 -4.30
C LEU B 192 16.22 5.49 -5.28
N GLU B 193 15.22 6.00 -6.01
CA GLU B 193 15.37 7.18 -6.87
C GLU B 193 14.56 8.37 -6.40
N SER B 194 13.59 8.11 -5.56
CA SER B 194 12.83 9.18 -4.93
C SER B 194 12.17 8.67 -3.63
N LEU B 195 11.90 9.62 -2.73
CA LEU B 195 11.28 9.34 -1.46
C LEU B 195 10.34 10.47 -1.13
N GLU B 196 9.28 10.15 -0.38
CA GLU B 196 8.50 11.18 0.26
C GLU B 196 8.24 10.83 1.70
N PHE B 197 8.35 11.83 2.56
CA PHE B 197 8.00 11.74 3.97
C PHE B 197 6.79 12.63 4.18
N TRP B 198 5.72 12.03 4.69
CA TRP B 198 4.45 12.69 4.90
C TRP B 198 4.12 12.70 6.38
N GLY B 199 3.82 13.88 6.89
CA GLY B 199 3.32 14.04 8.26
C GLY B 199 2.06 14.86 8.29
N ASN B 200 1.30 14.69 9.37
CA ASN B 200 -0.01 15.32 9.47
C ASN B 200 0.08 16.83 9.50
N GLY B 201 1.12 17.36 10.09
CA GLY B 201 1.24 18.81 10.15
C GLY B 201 0.25 19.45 11.06
N GLN B 202 0.11 20.75 10.88
CA GLN B 202 -0.79 21.59 11.68
C GLN B 202 -1.87 22.17 10.75
N GLU B 203 -3.11 22.26 11.24
CA GLU B 203 -4.19 22.90 10.48
C GLU B 203 -4.44 22.29 9.10
N ARG B 204 -4.19 21.00 9.01
CA ARG B 204 -4.40 20.21 7.78
C ARG B 204 -3.43 20.63 6.67
N LEU B 205 -2.40 21.40 7.03
CA LEU B 205 -1.30 21.63 6.08
C LEU B 205 -0.39 20.46 6.24
N HIS B 206 -0.76 19.36 5.62
CA HIS B 206 0.05 18.15 5.75
C HIS B 206 1.44 18.40 5.13
N GLU B 207 2.41 17.88 5.81
CA GLU B 207 3.83 18.15 5.56
C GLU B 207 4.46 17.09 4.70
N ARG B 208 4.79 17.46 3.46
CA ARG B 208 5.25 16.51 2.43
C ARG B 208 6.64 16.96 2.01
N LEU B 209 7.61 16.11 2.31
CA LEU B 209 9.03 16.34 2.01
C LEU B 209 9.47 15.32 0.93
N ARG B 210 9.74 15.80 -0.28
CA ARG B 210 10.00 15.00 -1.44
C ARG B 210 11.44 15.08 -1.91
N TYR B 211 12.07 13.95 -2.09
CA TYR B 211 13.42 13.86 -2.56
C TYR B 211 13.47 13.14 -3.92
N ASP B 212 14.32 13.64 -4.79
CA ASP B 212 14.59 13.01 -6.09
C ASP B 212 16.08 12.98 -6.36
N ARG B 213 16.61 11.85 -6.81
CA ARG B 213 18.04 11.74 -7.02
CA ARG B 213 18.04 11.74 -7.02
C ARG B 213 18.40 12.68 -8.16
N SER B 214 19.55 13.33 -8.00
CA SER B 214 20.09 14.23 -9.04
C SER B 214 21.39 13.60 -9.50
N ASP B 215 22.09 14.30 -10.40
CA ASP B 215 23.33 13.75 -10.92
C ASP B 215 24.35 13.64 -9.81
N THR B 216 24.28 14.59 -8.91
CA THR B 216 25.05 14.56 -7.71
C THR B 216 24.14 14.88 -6.49
N GLY B 217 23.91 13.84 -5.74
CA GLY B 217 23.14 13.94 -4.53
C GLY B 217 21.65 13.90 -4.81
N TRP B 218 20.92 14.76 -4.07
CA TRP B 218 19.47 14.72 -4.16
C TRP B 218 18.91 16.11 -4.30
N ASN B 219 17.77 16.26 -5.01
CA ASN B 219 16.97 17.47 -4.93
C ASN B 219 15.89 17.28 -3.88
N VAL B 220 15.56 18.30 -3.16
CA VAL B 220 14.57 18.25 -2.10
CA VAL B 220 14.57 18.27 -2.10
C VAL B 220 13.58 19.38 -2.31
N ARG B 221 12.31 19.07 -2.13
CA ARG B 221 11.22 20.00 -2.31
C ARG B 221 10.15 19.73 -1.26
N ARG B 222 9.36 20.70 -0.96
CA ARG B 222 8.12 20.48 -0.23
C ARG B 222 6.97 20.41 -1.25
N LEU B 223 5.98 19.56 -0.97
CA LEU B 223 4.82 19.43 -1.87
C LEU B 223 3.55 19.92 -1.21
N GLN B 224 2.63 20.41 -2.02
CA GLN B 224 1.35 20.84 -1.53
C GLN B 224 0.49 19.64 -1.16
N PRO B 225 -0.24 19.74 -0.03
CA PRO B 225 -0.99 18.61 0.49
C PRO B 225 -2.18 18.17 -0.30
N1 FMN C . -5.20 11.95 -0.44
C2 FMN C . -6.25 12.00 -1.28
O2 FMN C . -6.21 12.69 -2.31
N3 FMN C . -7.38 11.24 -1.03
C4 FMN C . -7.55 10.50 0.11
O4 FMN C . -8.56 9.81 0.25
C4A FMN C . -6.48 10.48 0.99
N5 FMN C . -6.54 9.76 2.16
C5A FMN C . -5.43 9.69 2.95
C6 FMN C . -5.45 8.87 4.09
C7 FMN C . -4.37 8.73 4.96
C7M FMN C . -4.51 7.81 6.15
C8 FMN C . -3.20 9.45 4.69
C8M FMN C . -1.98 9.40 5.55
C9 FMN C . -3.17 10.25 3.55
C9A FMN C . -4.27 10.40 2.68
N10 FMN C . -4.23 11.19 1.53
C10 FMN C . -5.32 11.19 0.69
C1' FMN C . -2.98 11.90 1.10
C2' FMN C . -2.25 10.95 0.11
O2' FMN C . -1.58 9.89 0.82
C3' FMN C . -1.24 11.69 -0.76
O3' FMN C . -0.31 12.47 0.03
C4' FMN C . -1.94 12.61 -1.75
O4' FMN C . -3.18 12.09 -2.23
C5' FMN C . -1.03 12.92 -2.93
O5' FMN C . -0.62 11.72 -3.57
P FMN C . 0.09 11.74 -4.98
O1P FMN C . -1.01 11.86 -6.05
O2P FMN C . 1.07 12.89 -4.97
O3P FMN C . 0.82 10.42 -5.07
HN3 FMN C . -8.15 11.26 -1.72
H6 FMN C . -6.36 8.32 4.32
HM71 FMN C . -3.59 7.83 6.73
HM72 FMN C . -5.33 8.15 6.79
HM73 FMN C . -4.71 6.80 5.81
HM81 FMN C . -1.21 10.04 5.12
HM82 FMN C . -2.22 9.75 6.56
HM83 FMN C . -1.62 8.38 5.60
H9 FMN C . -2.25 10.78 3.32
H1'1 FMN C . -3.22 12.84 0.60
H1'2 FMN C . -2.34 12.10 1.95
H2' FMN C . -3.00 10.52 -0.54
HO2' FMN C . -0.63 9.88 0.57
H3' FMN C . -0.68 10.94 -1.33
HO3' FMN C . -0.35 13.41 -0.25
H4' FMN C . -2.14 13.55 -1.23
HO4' FMN C . -3.15 12.06 -3.21
H5'1 FMN C . -0.16 13.47 -2.58
H5'2 FMN C . -1.56 13.55 -3.64
C01 NNV D . -5.48 12.64 5.24
C02 NNV D . -6.59 11.76 5.56
C03 NNV D . -7.82 11.72 4.67
C04 NNV D . -7.74 12.63 3.49
N05 NNV D . -8.81 12.57 2.53
C06 NNV D . -8.75 13.37 1.35
C07 NNV D . -9.87 13.31 0.41
C08 NNV D . -9.73 14.05 -0.83
C09 NNV D . -8.58 14.87 -1.13
C10 NNV D . -7.69 14.28 1.16
C11 NNV D . -7.70 15.23 0.01
C12 NNV D . -8.02 16.66 0.53
O13 NNV D . -7.82 17.69 -0.22
O14 NNV D . -8.44 16.93 1.72
C15 NNV D . -6.61 13.43 3.15
C16 NNV D . -5.41 13.47 4.03
N17 NNV D . -6.62 14.18 2.02
C18 NNV D . -9.08 11.93 5.44
O19 NNV D . -9.51 10.88 6.02
O20 NNV D . -9.61 13.09 5.54
H011 NNV D . -4.72 12.64 5.84
H022 NNV D . -6.87 11.90 6.48
H021 NNV D . -6.22 10.85 5.51
H031 NNV D . -7.81 10.81 4.30
H071 NNV D . -10.66 12.75 0.60
H081 NNV D . -10.46 14.03 -1.47
H092 NNV D . -8.87 15.69 -1.56
H091 NNV D . -8.03 14.38 -1.76
H101 NNV D . -7.99 15.03 1.69
H111 NNV D . -6.90 15.38 -0.55
H161 NNV D . -4.65 14.05 3.86
H171 NNV D . -5.82 14.53 1.93
S SO4 E . 12.79 10.19 -15.91
O1 SO4 E . 11.45 10.64 -15.50
O2 SO4 E . 13.55 11.38 -16.32
O3 SO4 E . 13.42 9.55 -14.75
O4 SO4 E . 12.71 9.24 -17.03
S SO4 F . -12.98 -27.34 -2.80
O1 SO4 F . -13.13 -26.41 -1.70
O2 SO4 F . -11.69 -27.22 -3.48
O3 SO4 F . -13.13 -28.72 -2.25
O4 SO4 F . -14.07 -27.09 -3.78
S SO4 G . -20.40 1.87 2.09
O1 SO4 G . -21.80 1.69 2.58
O2 SO4 G . -19.75 3.03 2.75
O3 SO4 G . -19.60 0.66 2.42
O4 SO4 G . -20.44 1.99 0.62
N1 FMN H . 5.62 -12.21 0.97
C2 FMN H . 6.93 -12.24 0.59
O2 FMN H . 7.27 -12.89 -0.41
N3 FMN H . 7.87 -11.53 1.30
C4 FMN H . 7.54 -10.85 2.47
O4 FMN H . 8.41 -10.19 3.08
C4A FMN H . 6.21 -10.87 2.87
N5 FMN H . 5.80 -10.28 4.05
C5A FMN H . 4.49 -10.19 4.38
C6 FMN H . 4.14 -9.48 5.51
C7 FMN H . 2.81 -9.41 5.91
C7M FMN H . 2.47 -8.57 7.14
C8 FMN H . 1.83 -10.05 5.15
C8M FMN H . 0.38 -9.97 5.56
C9 FMN H . 2.18 -10.79 4.01
C9A FMN H . 3.52 -10.85 3.62
N10 FMN H . 3.95 -11.59 2.50
C10 FMN H . 5.28 -11.55 2.13
C1' FMN H . 2.98 -12.23 1.58
C2' FMN H . 2.64 -11.24 0.46
O2' FMN H . 1.73 -10.24 0.93
C3' FMN H . 2.06 -11.94 -0.76
O3' FMN H . 0.93 -12.73 -0.41
C4' FMN H . 3.05 -12.85 -1.46
O4' FMN H . 4.35 -12.27 -1.44
C5' FMN H . 2.64 -13.08 -2.92
O5' FMN H . 2.54 -11.79 -3.55
P FMN H . 2.34 -11.73 -5.16
O1P FMN H . 3.75 -11.87 -5.73
O2P FMN H . 1.43 -12.88 -5.57
O3P FMN H . 1.70 -10.37 -5.43
HN3 FMN H . 8.85 -11.51 0.96
H6 FMN H . 4.91 -8.97 6.08
HM71 FMN H . 1.39 -8.59 7.30
HM72 FMN H . 2.97 -8.99 8.02
HM73 FMN H . 2.80 -7.54 6.99
HM81 FMN H . -0.22 -10.54 4.85
HM82 FMN H . 0.06 -8.93 5.58
HM83 FMN H . 0.26 -10.39 6.56
H9 FMN H . 1.40 -11.18 3.35
H1'1 FMN H . 2.08 -12.50 2.13
H1'2 FMN H . 3.42 -13.14 1.16
H2' FMN H . 3.57 -10.76 0.16
HO2' FMN H . 0.92 -10.23 0.37
H3' FMN H . 1.76 -11.17 -1.47
HO3' FMN H . 1.07 -13.65 -0.70
H4' FMN H . 3.07 -13.80 -0.94
HO4' FMN H . 4.67 -12.17 -2.36
H5'1 FMN H . 1.69 -13.60 -2.96
H5'2 FMN H . 3.39 -13.69 -3.43
C01 NNV I . 3.64 -13.39 6.27
C02 NNV I . 4.50 -12.55 7.11
C03 NNV I . 5.98 -12.44 6.80
C04 NNV I . 6.45 -13.19 5.61
N05 NNV I . 7.85 -13.04 5.13
C06 NNV I . 8.23 -13.79 3.94
C07 NNV I . 9.64 -13.62 3.51
C08 NNV I . 10.05 -14.31 2.23
C09 NNV I . 9.04 -15.06 1.44
C10 NNV I . 7.31 -14.72 3.29
C11 NNV I . 7.81 -15.57 2.14
C12 NNV I . 7.86 -17.00 2.65
O13 NNV I . 7.97 -17.92 1.76
O14 NNV I . 7.78 -17.32 3.88
C15 NNV I . 5.55 -13.94 4.72
C16 NNV I . 4.11 -14.06 5.08
N17 NNV I . 5.99 -14.56 3.58
C18 NNV I . 6.78 -12.79 8.01
O19 NNV I . 7.09 -11.80 8.78
O20 NNV I . 7.11 -14.01 8.20
H011 NNV I . 2.69 -13.47 6.51
H022 NNV I . 4.40 -12.81 8.04
H021 NNV I . 4.14 -11.65 7.02
H031 NNV I . 6.10 -11.50 6.58
H071 NNV I . 10.28 -13.12 4.06
H081 NNV I . 10.97 -14.22 1.91
H092 NNV I . 9.48 -15.82 1.03
H091 NNV I . 8.75 -14.47 0.73
H101 NNV I . 7.35 -15.50 3.85
H111 NNV I . 7.28 -15.67 1.30
H161 NNV I . 3.51 -14.61 4.55
H171 NNV I . 5.27 -14.79 3.09
S SO4 J . 17.98 -19.88 -7.67
O1 SO4 J . 16.95 -19.34 -6.71
O2 SO4 J . 18.01 -19.09 -8.93
O3 SO4 J . 19.31 -19.85 -7.03
O4 SO4 J . 17.66 -21.29 -8.04
#